data_1FH8
#
_entry.id   1FH8
#
_cell.length_a   85.310
_cell.length_b   85.310
_cell.length_c   79.100
_cell.angle_alpha   90.00
_cell.angle_beta   90.00
_cell.angle_gamma   90.00
#
_symmetry.space_group_name_H-M   'P 41 21 2'
#
loop_
_entity.id
_entity.type
_entity.pdbx_description
1 polymer BETA-1,4-XYLANASE
2 non-polymer beta-D-xylopyranose
3 non-polymer PIPERIDINE-3,4-DIOL
4 water water
#
_entity_poly.entity_id   1
_entity_poly.type   'polypeptide(L)'
_entity_poly.pdbx_seq_one_letter_code
;ATTLKEAADGAGRDFGFALDPNRLSEAQYKAIADSEFNLVVAENAMKWDATEPSQNSFSFGAGDRVASYAADTGKELYGH
TLVWHSQLPDWAKNLNGSAFESAMVNHVTKVADHFEGKVASWDVVNEAFADGGGRRQDSAFQQKLGNGYIETAFRAARAA
DPTAKLCINDYNVEGINAKSNSLYDLVKDFKARGVPLDCVGFQSHLIVGQVPGDFRQNLQRFADLGVDVRITELDIRMRT
PSDATKLATQAADYKKVVQACMQVTRCQGVTVWGITDKYSWVPDVFPGEGAALVWDASYAKKPAYAAVMEAF
;
_entity_poly.pdbx_strand_id   A
#
# COMPACT_ATOMS: atom_id res chain seq x y z
N ALA A 1 15.13 7.75 20.28
CA ALA A 1 14.15 8.57 19.51
C ALA A 1 12.88 8.77 20.34
N THR A 2 12.14 9.82 20.02
CA THR A 2 10.90 10.13 20.72
C THR A 2 9.68 9.87 19.86
N THR A 3 9.90 9.60 18.57
CA THR A 3 8.80 9.31 17.67
C THR A 3 9.18 8.15 16.77
N LEU A 4 8.18 7.54 16.13
CA LEU A 4 8.46 6.44 15.23
C LEU A 4 9.14 7.02 14.00
N LYS A 5 8.86 8.30 13.74
CA LYS A 5 9.45 8.99 12.61
C LYS A 5 10.97 9.01 12.78
N GLU A 6 11.44 9.47 13.96
CA GLU A 6 12.88 9.53 14.23
C GLU A 6 13.52 8.17 14.20
N ALA A 7 12.79 7.18 14.71
CA ALA A 7 13.31 5.82 14.71
C ALA A 7 13.48 5.35 13.28
N ALA A 8 12.49 5.64 12.43
CA ALA A 8 12.56 5.24 11.02
C ALA A 8 13.64 6.05 10.32
N ASP A 9 13.64 7.36 10.54
CA ASP A 9 14.66 8.22 9.91
C ASP A 9 16.03 7.63 10.22
N GLY A 10 16.26 7.40 11.51
CA GLY A 10 17.53 6.87 11.97
C GLY A 10 17.94 5.56 11.32
N ALA A 11 16.96 4.76 10.90
CA ALA A 11 17.26 3.48 10.28
C ALA A 11 17.35 3.60 8.76
N GLY A 12 17.31 4.83 8.26
CA GLY A 12 17.36 5.02 6.82
C GLY A 12 16.19 4.38 6.12
N ARG A 13 15.03 4.37 6.78
CA ARG A 13 13.82 3.77 6.20
C ARG A 13 12.62 4.71 6.29
N ASP A 14 11.53 4.29 5.64
CA ASP A 14 10.29 5.05 5.66
C ASP A 14 9.32 4.41 6.64
N PHE A 15 8.50 5.24 7.28
CA PHE A 15 7.46 4.76 8.17
C PHE A 15 6.29 5.67 7.83
N GLY A 16 5.35 5.14 7.05
CA GLY A 16 4.22 5.93 6.63
C GLY A 16 2.88 5.50 7.17
N PHE A 17 1.85 6.23 6.76
CA PHE A 17 0.49 5.94 7.17
C PHE A 17 -0.49 6.27 6.04
N ALA A 18 -1.65 5.60 6.05
CA ALA A 18 -2.67 5.84 5.05
C ALA A 18 -3.51 7.02 5.54
N LEU A 19 -3.51 8.08 4.76
CA LEU A 19 -4.23 9.30 5.12
C LEU A 19 -5.62 9.50 4.53
N ASP A 20 -6.50 10.10 5.32
CA ASP A 20 -7.84 10.46 4.89
C ASP A 20 -7.77 11.97 5.05
N PRO A 21 -7.70 12.72 3.93
CA PRO A 21 -7.61 14.17 3.97
C PRO A 21 -8.66 14.88 4.83
N ASN A 22 -9.87 14.34 4.89
CA ASN A 22 -10.92 14.94 5.69
C ASN A 22 -10.56 15.00 7.17
N ARG A 23 -9.86 13.96 7.64
CA ARG A 23 -9.47 13.89 9.06
C ARG A 23 -8.44 14.93 9.49
N LEU A 24 -7.78 15.58 8.53
CA LEU A 24 -6.79 16.59 8.88
C LEU A 24 -7.38 17.73 9.71
N SER A 25 -8.69 17.96 9.58
CA SER A 25 -9.32 19.02 10.35
C SER A 25 -9.49 18.60 11.80
N GLU A 26 -9.13 17.36 12.11
CA GLU A 26 -9.17 16.87 13.48
C GLU A 26 -7.74 17.02 13.98
N ALA A 27 -7.50 18.06 14.77
CA ALA A 27 -6.16 18.35 15.27
C ALA A 27 -5.38 17.18 15.89
N GLN A 28 -6.06 16.32 16.66
CA GLN A 28 -5.37 15.18 17.28
C GLN A 28 -4.82 14.29 16.16
N TYR A 29 -5.67 14.02 15.18
CA TYR A 29 -5.30 13.22 14.03
C TYR A 29 -4.08 13.84 13.34
N LYS A 30 -4.19 15.12 12.97
CA LYS A 30 -3.08 15.78 12.30
C LYS A 30 -1.81 15.89 13.15
N ALA A 31 -1.96 15.99 14.47
CA ALA A 31 -0.81 16.09 15.35
C ALA A 31 0.05 14.82 15.27
N ILE A 32 -0.59 13.66 15.25
CA ILE A 32 0.11 12.39 15.18
C ILE A 32 0.68 12.21 13.77
N ALA A 33 -0.11 12.59 12.77
CA ALA A 33 0.32 12.49 11.38
C ALA A 33 1.57 13.32 11.16
N ASP A 34 1.56 14.56 11.65
CA ASP A 34 2.69 15.46 11.50
C ASP A 34 4.00 14.96 12.11
N SER A 35 3.93 14.32 13.28
CA SER A 35 5.15 13.89 13.95
C SER A 35 5.52 12.43 14.06
N GLU A 36 4.66 11.51 13.63
CA GLU A 36 5.02 10.10 13.78
C GLU A 36 5.38 9.35 12.50
N PHE A 37 5.26 10.00 11.35
CA PHE A 37 5.58 9.35 10.09
C PHE A 37 6.39 10.27 9.17
N ASN A 38 7.14 9.68 8.24
CA ASN A 38 7.93 10.44 7.28
C ASN A 38 7.46 10.15 5.85
N LEU A 39 6.36 9.43 5.74
CA LEU A 39 5.78 9.08 4.45
C LEU A 39 4.28 9.03 4.57
N VAL A 40 3.59 9.37 3.48
CA VAL A 40 2.13 9.34 3.51
C VAL A 40 1.56 8.76 2.21
N VAL A 41 0.47 8.01 2.34
CA VAL A 41 -0.21 7.42 1.20
C VAL A 41 -1.71 7.74 1.35
N ALA A 42 -2.40 7.94 0.23
CA ALA A 42 -3.82 8.22 0.28
C ALA A 42 -4.57 6.91 0.51
N GLU A 43 -5.42 6.87 1.53
CA GLU A 43 -6.17 5.66 1.81
C GLU A 43 -7.23 5.44 0.74
N ASN A 44 -7.72 6.53 0.16
CA ASN A 44 -8.76 6.43 -0.86
C ASN A 44 -8.72 7.55 -1.89
N ALA A 45 -8.17 8.70 -1.51
CA ALA A 45 -8.15 9.87 -2.38
C ALA A 45 -7.56 9.72 -3.78
N MET A 46 -6.65 8.78 -3.98
CA MET A 46 -6.06 8.62 -5.32
C MET A 46 -6.53 7.40 -6.12
N LYS A 47 -7.59 6.75 -5.64
CA LYS A 47 -8.12 5.60 -6.36
C LYS A 47 -8.97 6.08 -7.52
N TRP A 48 -9.30 5.17 -8.43
CA TRP A 48 -10.07 5.50 -9.63
C TRP A 48 -11.42 6.18 -9.34
N ASP A 49 -12.18 5.65 -8.39
CA ASP A 49 -13.47 6.24 -8.08
C ASP A 49 -13.34 7.67 -7.54
N ALA A 50 -12.26 7.95 -6.84
CA ALA A 50 -12.02 9.29 -6.28
C ALA A 50 -11.40 10.25 -7.30
N THR A 51 -10.79 9.71 -8.35
CA THR A 51 -10.13 10.55 -9.35
C THR A 51 -10.80 10.71 -10.71
N GLU A 52 -11.50 9.68 -11.18
CA GLU A 52 -12.16 9.77 -12.47
C GLU A 52 -13.59 9.22 -12.34
N PRO A 53 -14.47 10.01 -11.70
CA PRO A 53 -15.87 9.61 -11.49
C PRO A 53 -16.69 9.46 -12.76
N SER A 54 -16.30 10.19 -13.81
CA SER A 54 -16.97 10.13 -15.11
C SER A 54 -15.85 9.93 -16.12
N GLN A 55 -16.14 9.31 -17.26
CA GLN A 55 -15.10 9.08 -18.24
C GLN A 55 -14.40 10.37 -18.64
N ASN A 56 -13.08 10.35 -18.50
CA ASN A 56 -12.21 11.47 -18.82
C ASN A 56 -12.57 12.78 -18.11
N SER A 57 -13.17 12.67 -16.94
CA SER A 57 -13.51 13.84 -16.13
C SER A 57 -12.90 13.55 -14.77
N PHE A 58 -11.82 14.25 -14.45
CA PHE A 58 -11.12 14.02 -13.19
C PHE A 58 -11.39 15.00 -12.06
N SER A 59 -11.38 14.46 -10.84
CA SER A 59 -11.57 15.26 -9.63
C SER A 59 -10.33 14.99 -8.78
N PHE A 60 -9.36 15.90 -8.85
CA PHE A 60 -8.11 15.75 -8.12
C PHE A 60 -8.06 16.49 -6.78
N GLY A 61 -9.17 17.10 -6.39
CA GLY A 61 -9.23 17.82 -5.14
C GLY A 61 -8.68 17.07 -3.93
N ALA A 62 -9.29 15.94 -3.61
CA ALA A 62 -8.86 15.16 -2.47
C ALA A 62 -7.42 14.69 -2.63
N GLY A 63 -7.08 14.21 -3.82
CA GLY A 63 -5.73 13.73 -4.06
C GLY A 63 -4.72 14.85 -3.90
N ASP A 64 -5.07 16.03 -4.39
CA ASP A 64 -4.19 17.19 -4.27
C ASP A 64 -4.00 17.58 -2.80
N ARG A 65 -5.04 17.40 -1.99
CA ARG A 65 -4.96 17.75 -0.57
C ARG A 65 -3.93 16.85 0.09
N VAL A 66 -3.90 15.58 -0.34
CA VAL A 66 -2.95 14.61 0.21
C VAL A 66 -1.55 14.98 -0.23
N ALA A 67 -1.39 15.34 -1.50
CA ALA A 67 -0.08 15.71 -2.03
C ALA A 67 0.43 16.96 -1.35
N SER A 68 -0.45 17.95 -1.16
CA SER A 68 -0.10 19.20 -0.50
C SER A 68 0.35 18.94 0.93
N TYR A 69 -0.38 18.07 1.62
CA TYR A 69 -0.04 17.72 3.00
C TYR A 69 1.39 17.15 3.08
N ALA A 70 1.71 16.20 2.21
CA ALA A 70 3.04 15.61 2.20
C ALA A 70 4.12 16.67 1.94
N ALA A 71 3.87 17.52 0.97
CA ALA A 71 4.86 18.55 0.63
C ALA A 71 4.99 19.56 1.76
N ASP A 72 3.86 19.91 2.37
CA ASP A 72 3.86 20.88 3.47
C ASP A 72 4.53 20.40 4.74
N THR A 73 4.52 19.09 4.97
CA THR A 73 5.13 18.55 6.18
C THR A 73 6.42 17.77 5.93
N GLY A 74 6.93 17.85 4.69
CA GLY A 74 8.16 17.17 4.33
C GLY A 74 8.16 15.66 4.35
N LYS A 75 7.09 15.04 3.87
CA LYS A 75 7.03 13.57 3.88
C LYS A 75 7.09 13.03 2.46
N GLU A 76 7.54 11.79 2.32
CA GLU A 76 7.60 11.16 1.00
C GLU A 76 6.13 10.90 0.63
N LEU A 77 5.82 10.98 -0.66
CA LEU A 77 4.46 10.77 -1.14
C LEU A 77 4.38 9.45 -1.89
N TYR A 78 3.50 8.55 -1.45
CA TYR A 78 3.32 7.25 -2.09
C TYR A 78 1.95 7.24 -2.77
N GLY A 79 1.92 6.87 -4.05
CA GLY A 79 0.67 6.84 -4.79
C GLY A 79 -0.01 5.49 -4.74
N HIS A 80 -1.33 5.44 -4.43
CA HIS A 80 -2.15 4.25 -4.36
C HIS A 80 -3.51 4.61 -4.91
N THR A 81 -3.98 4.04 -6.04
CA THR A 81 -3.30 3.04 -6.86
C THR A 81 -3.88 3.21 -8.27
N LEU A 82 -3.48 2.81 -9.32
CA LEU A 82 -3.79 3.38 -10.61
C LEU A 82 -4.74 2.37 -11.26
N VAL A 83 -4.47 1.10 -11.06
CA VAL A 83 -5.29 0.02 -11.60
C VAL A 83 -5.62 -1.00 -10.50
N TRP A 84 -6.91 -1.16 -10.23
CA TRP A 84 -7.39 -2.07 -9.20
C TRP A 84 -8.81 -2.49 -9.55
N HIS A 85 -9.15 -3.75 -9.29
CA HIS A 85 -10.48 -4.26 -9.61
C HIS A 85 -11.57 -3.69 -8.71
N SER A 86 -11.18 -3.21 -7.54
CA SER A 86 -12.15 -2.66 -6.59
C SER A 86 -12.24 -1.14 -6.67
N GLN A 87 -13.35 -0.60 -6.18
CA GLN A 87 -13.61 0.84 -6.20
C GLN A 87 -13.40 1.42 -7.60
N LEU A 88 -13.89 0.68 -8.58
CA LEU A 88 -13.83 1.03 -10.00
C LEU A 88 -15.25 1.47 -10.36
N PRO A 89 -15.41 2.70 -10.87
CA PRO A 89 -16.76 3.16 -11.21
C PRO A 89 -17.49 2.33 -12.28
N ASP A 90 -18.81 2.28 -12.15
CA ASP A 90 -19.65 1.54 -13.09
C ASP A 90 -19.44 1.91 -14.56
N TRP A 91 -19.15 3.18 -14.85
CA TRP A 91 -18.96 3.58 -16.24
C TRP A 91 -17.82 2.81 -16.88
N ALA A 92 -16.77 2.55 -16.10
CA ALA A 92 -15.62 1.81 -16.63
C ALA A 92 -15.97 0.34 -16.76
N LYS A 93 -16.68 -0.21 -15.78
CA LYS A 93 -17.08 -1.61 -15.82
C LYS A 93 -18.00 -1.87 -17.01
N ASN A 94 -18.72 -0.84 -17.44
CA ASN A 94 -19.64 -0.98 -18.57
C ASN A 94 -18.95 -0.96 -19.93
N LEU A 95 -17.63 -0.73 -19.91
CA LEU A 95 -16.85 -0.71 -21.14
C LEU A 95 -16.20 -2.07 -21.32
N ASN A 96 -15.73 -2.35 -22.52
CA ASN A 96 -15.07 -3.62 -22.79
C ASN A 96 -14.21 -3.48 -24.03
N GLY A 97 -13.44 -4.51 -24.35
CA GLY A 97 -12.57 -4.46 -25.51
C GLY A 97 -11.63 -3.26 -25.48
N SER A 98 -11.31 -2.74 -26.67
CA SER A 98 -10.41 -1.61 -26.79
C SER A 98 -10.91 -0.37 -26.05
N ALA A 99 -12.23 -0.26 -25.91
CA ALA A 99 -12.80 0.89 -25.22
C ALA A 99 -12.36 0.88 -23.76
N PHE A 100 -12.40 -0.30 -23.13
CA PHE A 100 -12.01 -0.44 -21.74
C PHE A 100 -10.50 -0.27 -21.56
N GLU A 101 -9.73 -0.92 -22.43
CA GLU A 101 -8.29 -0.81 -22.35
C GLU A 101 -7.92 0.66 -22.50
N SER A 102 -8.65 1.34 -23.38
CA SER A 102 -8.42 2.76 -23.63
C SER A 102 -8.66 3.56 -22.35
N ALA A 103 -9.75 3.26 -21.66
CA ALA A 103 -10.09 3.94 -20.42
C ALA A 103 -8.99 3.73 -19.37
N MET A 104 -8.47 2.51 -19.28
CA MET A 104 -7.42 2.19 -18.32
C MET A 104 -6.14 2.95 -18.61
N VAL A 105 -5.77 2.96 -19.88
CA VAL A 105 -4.55 3.64 -20.32
C VAL A 105 -4.68 5.13 -20.06
N ASN A 106 -5.86 5.67 -20.32
CA ASN A 106 -6.11 7.09 -20.11
C ASN A 106 -6.07 7.41 -18.63
N HIS A 107 -6.62 6.53 -17.80
CA HIS A 107 -6.62 6.77 -16.36
C HIS A 107 -5.19 6.83 -15.83
N VAL A 108 -4.43 5.78 -16.13
CA VAL A 108 -3.03 5.69 -15.71
C VAL A 108 -2.26 6.93 -16.14
N THR A 109 -2.35 7.28 -17.42
CA THR A 109 -1.64 8.43 -17.95
C THR A 109 -2.00 9.74 -17.25
N LYS A 110 -3.28 10.07 -17.23
CA LYS A 110 -3.75 11.30 -16.60
C LYS A 110 -3.41 11.44 -15.12
N VAL A 111 -3.63 10.39 -14.35
CA VAL A 111 -3.32 10.45 -12.91
C VAL A 111 -1.82 10.54 -12.67
N ALA A 112 -1.03 9.73 -13.37
CA ALA A 112 0.42 9.76 -13.19
C ALA A 112 0.97 11.15 -13.56
N ASP A 113 0.52 11.68 -14.70
CA ASP A 113 0.96 12.99 -15.18
C ASP A 113 0.59 14.10 -14.19
N HIS A 114 -0.62 14.03 -13.65
CA HIS A 114 -1.08 15.04 -12.70
C HIS A 114 -0.21 15.11 -11.44
N PHE A 115 0.28 13.97 -10.98
CA PHE A 115 1.09 13.94 -9.77
C PHE A 115 2.57 13.76 -10.01
N GLU A 116 2.99 13.89 -11.26
CA GLU A 116 4.40 13.75 -11.63
C GLU A 116 5.20 14.79 -10.87
N GLY A 117 6.34 14.37 -10.32
CA GLY A 117 7.15 15.31 -9.56
C GLY A 117 6.73 15.42 -8.10
N LYS A 118 5.59 14.83 -7.75
CA LYS A 118 5.12 14.86 -6.36
C LYS A 118 5.09 13.46 -5.79
N VAL A 119 4.40 12.56 -6.47
CA VAL A 119 4.31 11.17 -6.03
C VAL A 119 5.66 10.52 -6.37
N ALA A 120 6.29 9.93 -5.35
CA ALA A 120 7.58 9.29 -5.52
C ALA A 120 7.51 7.87 -6.07
N SER A 121 6.50 7.12 -5.63
CA SER A 121 6.29 5.73 -6.04
C SER A 121 4.81 5.51 -6.27
N TRP A 122 4.48 4.61 -7.19
CA TRP A 122 3.10 4.31 -7.51
C TRP A 122 2.77 2.83 -7.44
N ASP A 123 1.59 2.51 -6.90
CA ASP A 123 1.12 1.14 -6.91
C ASP A 123 0.40 1.19 -8.27
N VAL A 124 1.11 0.88 -9.34
CA VAL A 124 0.52 0.90 -10.67
C VAL A 124 -0.59 -0.13 -10.80
N VAL A 125 -0.33 -1.33 -10.31
CA VAL A 125 -1.34 -2.39 -10.32
C VAL A 125 -1.47 -2.98 -8.91
N ASN A 126 -2.71 -3.14 -8.47
CA ASN A 126 -2.97 -3.64 -7.14
C ASN A 126 -3.85 -4.88 -7.14
N GLU A 127 -3.42 -5.89 -6.37
CA GLU A 127 -4.16 -7.13 -6.19
C GLU A 127 -4.53 -7.88 -7.47
N ALA A 128 -3.54 -8.10 -8.30
CA ALA A 128 -3.72 -8.79 -9.58
C ALA A 128 -3.78 -10.31 -9.46
N PHE A 129 -3.30 -10.86 -8.34
CA PHE A 129 -3.29 -12.31 -8.17
C PHE A 129 -4.33 -12.89 -7.24
N ALA A 130 -4.45 -14.21 -7.25
CA ALA A 130 -5.44 -14.90 -6.42
C ALA A 130 -4.82 -15.77 -5.35
N ASP A 131 -5.48 -15.87 -4.20
CA ASP A 131 -4.98 -16.73 -3.13
C ASP A 131 -4.98 -18.10 -3.78
N GLY A 132 -3.94 -18.89 -3.55
CA GLY A 132 -3.91 -20.20 -4.18
C GLY A 132 -3.14 -20.23 -5.49
N GLY A 133 -2.75 -19.06 -5.99
CA GLY A 133 -1.99 -19.00 -7.22
C GLY A 133 -2.73 -18.51 -8.45
N GLY A 134 -2.00 -17.96 -9.41
CA GLY A 134 -2.62 -17.46 -10.63
C GLY A 134 -3.21 -16.07 -10.52
N ARG A 135 -3.94 -15.68 -11.57
CA ARG A 135 -4.56 -14.37 -11.64
C ARG A 135 -5.88 -14.26 -10.90
N ARG A 136 -6.21 -13.05 -10.46
CA ARG A 136 -7.46 -12.80 -9.74
C ARG A 136 -8.61 -13.19 -10.65
N GLN A 137 -9.64 -13.78 -10.05
CA GLN A 137 -10.81 -14.26 -10.79
C GLN A 137 -12.02 -13.34 -10.87
N ASP A 138 -12.05 -12.31 -10.04
CA ASP A 138 -13.17 -11.38 -10.04
C ASP A 138 -12.73 -9.98 -10.43
N SER A 139 -11.82 -9.88 -11.40
CA SER A 139 -11.31 -8.59 -11.84
C SER A 139 -11.74 -8.20 -13.25
N ALA A 140 -12.21 -6.97 -13.38
CA ALA A 140 -12.66 -6.44 -14.66
C ALA A 140 -11.50 -6.34 -15.63
N PHE A 141 -10.31 -6.05 -15.11
CA PHE A 141 -9.14 -5.95 -15.97
C PHE A 141 -8.71 -7.33 -16.48
N GLN A 142 -8.64 -8.29 -15.57
CA GLN A 142 -8.23 -9.64 -15.95
C GLN A 142 -9.23 -10.24 -16.96
N GLN A 143 -10.51 -10.07 -16.66
CA GLN A 143 -11.59 -10.59 -17.51
C GLN A 143 -11.72 -9.93 -18.88
N LYS A 144 -11.65 -8.61 -18.90
CA LYS A 144 -11.82 -7.87 -20.16
C LYS A 144 -10.57 -7.70 -21.00
N LEU A 145 -9.40 -7.69 -20.36
CA LEU A 145 -8.16 -7.48 -21.08
C LEU A 145 -7.18 -8.66 -21.10
N GLY A 146 -7.25 -9.55 -20.11
CA GLY A 146 -6.34 -10.68 -20.09
C GLY A 146 -5.02 -10.43 -19.39
N ASN A 147 -4.12 -11.43 -19.44
CA ASN A 147 -2.82 -11.34 -18.77
C ASN A 147 -1.99 -10.09 -19.03
N GLY A 148 -2.06 -9.57 -20.25
CA GLY A 148 -1.25 -8.41 -20.59
C GLY A 148 -1.60 -7.02 -20.04
N TYR A 149 -2.71 -6.88 -19.34
CA TYR A 149 -3.06 -5.54 -18.83
C TYR A 149 -2.04 -5.01 -17.82
N ILE A 150 -1.38 -5.91 -17.10
CA ILE A 150 -0.40 -5.48 -16.12
C ILE A 150 0.77 -4.79 -16.81
N GLU A 151 1.33 -5.46 -17.83
CA GLU A 151 2.45 -4.88 -18.56
C GLU A 151 2.04 -3.57 -19.20
N THR A 152 0.87 -3.56 -19.83
CA THR A 152 0.37 -2.35 -20.47
C THR A 152 0.29 -1.19 -19.48
N ALA A 153 -0.21 -1.48 -18.27
CA ALA A 153 -0.35 -0.46 -17.25
C ALA A 153 1.00 0.13 -16.83
N PHE A 154 1.98 -0.73 -16.58
CA PHE A 154 3.30 -0.24 -16.18
C PHE A 154 3.99 0.59 -17.25
N ARG A 155 3.93 0.14 -18.50
CA ARG A 155 4.57 0.90 -19.58
C ARG A 155 3.93 2.26 -19.75
N ALA A 156 2.61 2.31 -19.63
CA ALA A 156 1.88 3.58 -19.75
C ALA A 156 2.25 4.49 -18.58
N ALA A 157 2.41 3.89 -17.40
CA ALA A 157 2.77 4.65 -16.22
C ALA A 157 4.15 5.27 -16.43
N ARG A 158 5.09 4.47 -16.92
CA ARG A 158 6.44 4.97 -17.17
C ARG A 158 6.44 6.03 -18.28
N ALA A 159 5.57 5.85 -19.27
CA ALA A 159 5.47 6.79 -20.38
C ALA A 159 5.05 8.15 -19.84
N ALA A 160 4.17 8.13 -18.84
CA ALA A 160 3.66 9.36 -18.23
C ALA A 160 4.64 9.98 -17.24
N ASP A 161 5.19 9.18 -16.35
CA ASP A 161 6.14 9.64 -15.34
C ASP A 161 7.39 8.79 -15.54
N PRO A 162 8.44 9.38 -16.14
CA PRO A 162 9.67 8.63 -16.38
C PRO A 162 10.61 8.41 -15.20
N THR A 163 10.32 9.00 -14.04
CA THR A 163 11.21 8.82 -12.88
C THR A 163 10.62 8.11 -11.67
N ALA A 164 9.31 8.14 -11.52
CA ALA A 164 8.66 7.50 -10.38
C ALA A 164 8.89 5.99 -10.30
N LYS A 165 9.01 5.48 -9.07
CA LYS A 165 9.20 4.06 -8.83
C LYS A 165 7.84 3.39 -9.09
N LEU A 166 7.79 2.45 -10.02
CA LEU A 166 6.54 1.78 -10.36
C LEU A 166 6.43 0.43 -9.64
N CYS A 167 5.45 0.31 -8.74
CA CYS A 167 5.29 -0.93 -7.98
C CYS A 167 4.01 -1.70 -8.28
N ILE A 168 4.04 -2.97 -7.90
CA ILE A 168 2.89 -3.85 -8.01
C ILE A 168 2.69 -4.20 -6.54
N ASN A 169 1.43 -4.17 -6.09
CA ASN A 169 1.11 -4.40 -4.69
C ASN A 169 0.08 -5.53 -4.57
N ASP A 170 0.10 -6.23 -3.44
CA ASP A 170 -0.86 -7.32 -3.22
C ASP A 170 -0.85 -7.79 -1.76
N TYR A 171 -1.82 -8.62 -1.40
CA TYR A 171 -1.90 -9.13 -0.05
C TYR A 171 -1.83 -10.67 -0.05
N ASN A 172 -1.62 -11.26 1.12
CA ASN A 172 -1.49 -12.71 1.23
C ASN A 172 -0.29 -13.21 0.44
N VAL A 173 0.68 -12.33 0.24
CA VAL A 173 1.91 -12.66 -0.49
C VAL A 173 3.11 -12.41 0.40
N GLU A 174 2.85 -12.27 1.69
CA GLU A 174 3.90 -12.02 2.67
C GLU A 174 4.79 -13.25 2.84
N GLY A 175 4.16 -14.42 2.88
CA GLY A 175 4.91 -15.66 3.00
C GLY A 175 5.11 -16.27 1.64
N ILE A 176 5.91 -17.32 1.58
CA ILE A 176 6.18 -17.99 0.31
C ILE A 176 5.07 -19.02 0.07
N ASN A 177 4.17 -18.71 -0.85
CA ASN A 177 3.06 -19.57 -1.19
C ASN A 177 2.74 -19.48 -2.69
N ALA A 178 1.64 -20.11 -3.09
CA ALA A 178 1.23 -20.13 -4.50
C ALA A 178 0.98 -18.72 -5.03
N LYS A 179 0.49 -17.84 -4.15
CA LYS A 179 0.20 -16.47 -4.55
C LYS A 179 1.48 -15.65 -4.71
N SER A 180 2.37 -15.73 -3.73
CA SER A 180 3.62 -14.96 -3.82
C SER A 180 4.49 -15.54 -4.92
N ASN A 181 4.32 -16.82 -5.24
CA ASN A 181 5.11 -17.41 -6.31
C ASN A 181 4.66 -16.91 -7.67
N SER A 182 3.35 -16.79 -7.87
CA SER A 182 2.85 -16.27 -9.15
C SER A 182 3.35 -14.84 -9.29
N LEU A 183 3.30 -14.09 -8.19
CA LEU A 183 3.78 -12.71 -8.19
C LEU A 183 5.27 -12.71 -8.54
N TYR A 184 6.01 -13.62 -7.93
CA TYR A 184 7.45 -13.74 -8.18
C TYR A 184 7.76 -13.96 -9.66
N ASP A 185 7.07 -14.91 -10.28
CA ASP A 185 7.29 -15.22 -11.69
C ASP A 185 7.02 -14.01 -12.58
N LEU A 186 6.02 -13.22 -12.22
CA LEU A 186 5.67 -12.03 -12.97
C LEU A 186 6.83 -11.05 -12.90
N VAL A 187 7.20 -10.67 -11.67
CA VAL A 187 8.29 -9.73 -11.46
C VAL A 187 9.58 -10.18 -12.16
N LYS A 188 9.86 -11.48 -12.12
CA LYS A 188 11.06 -12.00 -12.77
C LYS A 188 10.94 -11.81 -14.28
N ASP A 189 9.75 -12.07 -14.81
CA ASP A 189 9.45 -11.92 -16.24
C ASP A 189 9.70 -10.48 -16.67
N PHE A 190 9.06 -9.55 -15.97
CA PHE A 190 9.18 -8.13 -16.27
C PHE A 190 10.64 -7.66 -16.27
N LYS A 191 11.39 -8.00 -15.23
CA LYS A 191 12.78 -7.58 -15.17
C LYS A 191 13.59 -8.23 -16.28
N ALA A 192 13.24 -9.47 -16.62
CA ALA A 192 13.95 -10.19 -17.66
C ALA A 192 13.79 -9.54 -19.02
N ARG A 193 12.61 -8.97 -19.27
CA ARG A 193 12.32 -8.35 -20.55
C ARG A 193 12.39 -6.83 -20.61
N GLY A 194 12.74 -6.21 -19.49
CA GLY A 194 12.85 -4.76 -19.47
C GLY A 194 11.56 -3.99 -19.27
N VAL A 195 10.52 -4.66 -18.79
CA VAL A 195 9.26 -3.98 -18.53
C VAL A 195 9.54 -3.09 -17.32
N PRO A 196 9.19 -1.80 -17.39
CA PRO A 196 9.48 -0.96 -16.22
C PRO A 196 8.76 -1.45 -14.96
N LEU A 197 9.55 -1.79 -13.95
CA LEU A 197 9.05 -2.29 -12.67
C LEU A 197 10.18 -2.07 -11.68
N ASP A 198 9.93 -1.25 -10.65
CA ASP A 198 10.96 -0.93 -9.68
C ASP A 198 10.77 -1.44 -8.26
N CYS A 199 9.53 -1.77 -7.91
CA CYS A 199 9.25 -2.18 -6.54
C CYS A 199 8.05 -3.13 -6.39
N VAL A 200 8.01 -3.81 -5.25
CA VAL A 200 6.93 -4.74 -4.95
C VAL A 200 6.41 -4.42 -3.56
N GLY A 201 5.09 -4.28 -3.43
CA GLY A 201 4.52 -3.98 -2.14
C GLY A 201 3.80 -5.16 -1.51
N PHE A 202 4.07 -5.37 -0.22
CA PHE A 202 3.47 -6.44 0.55
C PHE A 202 2.53 -5.77 1.57
N GLN A 203 1.24 -5.76 1.24
CA GLN A 203 0.22 -5.14 2.08
C GLN A 203 0.32 -5.45 3.57
N SER A 204 0.43 -6.75 3.89
CA SER A 204 0.55 -7.18 5.27
C SER A 204 -0.67 -6.88 6.16
N HIS A 205 -1.86 -7.25 5.71
CA HIS A 205 -3.06 -7.09 6.52
C HIS A 205 -3.09 -8.44 7.22
N LEU A 206 -2.40 -8.52 8.34
CA LEU A 206 -2.28 -9.77 9.09
C LEU A 206 -3.26 -9.93 10.25
N ILE A 207 -3.29 -11.13 10.81
CA ILE A 207 -4.14 -11.47 11.94
C ILE A 207 -3.22 -11.71 13.11
N VAL A 208 -3.53 -11.13 14.27
CA VAL A 208 -2.69 -11.30 15.45
C VAL A 208 -2.35 -12.77 15.67
N GLY A 209 -1.08 -13.03 15.92
CA GLY A 209 -0.62 -14.38 16.16
C GLY A 209 -0.24 -15.14 14.89
N GLN A 210 -0.49 -14.54 13.73
CA GLN A 210 -0.20 -15.24 12.49
C GLN A 210 0.69 -14.51 11.50
N VAL A 211 1.94 -14.24 11.89
CA VAL A 211 2.88 -13.57 11.01
C VAL A 211 3.73 -14.63 10.30
N PRO A 212 3.76 -14.61 8.96
CA PRO A 212 4.54 -15.59 8.20
C PRO A 212 5.99 -15.62 8.67
N GLY A 213 6.46 -16.81 9.06
CA GLY A 213 7.83 -16.94 9.53
C GLY A 213 8.88 -16.77 8.44
N ASP A 214 8.48 -16.93 7.19
CA ASP A 214 9.40 -16.80 6.06
C ASP A 214 9.25 -15.46 5.36
N PHE A 215 8.64 -14.49 6.04
CA PHE A 215 8.43 -13.16 5.49
C PHE A 215 9.76 -12.58 5.01
N ARG A 216 10.75 -12.61 5.90
CA ARG A 216 12.08 -12.09 5.59
C ARG A 216 12.65 -12.81 4.36
N GLN A 217 12.60 -14.13 4.39
CA GLN A 217 13.10 -14.95 3.30
C GLN A 217 12.43 -14.55 2.00
N ASN A 218 11.11 -14.35 2.05
CA ASN A 218 10.33 -13.97 0.88
C ASN A 218 10.73 -12.59 0.36
N LEU A 219 10.85 -11.61 1.24
CA LEU A 219 11.24 -10.26 0.83
C LEU A 219 12.59 -10.30 0.11
N GLN A 220 13.53 -11.06 0.65
CA GLN A 220 14.86 -11.17 0.07
C GLN A 220 14.91 -11.73 -1.35
N ARG A 221 14.14 -12.79 -1.61
CA ARG A 221 14.16 -13.36 -2.96
C ARG A 221 13.61 -12.34 -3.96
N PHE A 222 12.63 -11.54 -3.55
CA PHE A 222 12.10 -10.54 -4.47
C PHE A 222 13.15 -9.44 -4.66
N ALA A 223 13.74 -9.01 -3.55
CA ALA A 223 14.77 -7.96 -3.59
C ALA A 223 15.93 -8.40 -4.48
N ASP A 224 16.21 -9.71 -4.48
CA ASP A 224 17.30 -10.22 -5.30
C ASP A 224 17.01 -10.24 -6.79
N LEU A 225 15.77 -9.93 -7.18
CA LEU A 225 15.39 -9.89 -8.58
C LEU A 225 15.72 -8.49 -9.11
N GLY A 226 16.30 -7.67 -8.24
CA GLY A 226 16.66 -6.32 -8.62
C GLY A 226 15.52 -5.32 -8.48
N VAL A 227 14.73 -5.44 -7.42
CA VAL A 227 13.63 -4.52 -7.18
C VAL A 227 13.55 -4.18 -5.71
N ASP A 228 13.03 -3.00 -5.39
CA ASP A 228 12.87 -2.59 -4.00
C ASP A 228 11.62 -3.29 -3.46
N VAL A 229 11.52 -3.40 -2.14
CA VAL A 229 10.34 -4.02 -1.55
C VAL A 229 9.85 -3.10 -0.44
N ARG A 230 8.58 -3.25 -0.05
CA ARG A 230 8.02 -2.38 0.97
C ARG A 230 6.76 -2.96 1.61
N ILE A 231 6.60 -2.77 2.91
CA ILE A 231 5.40 -3.21 3.61
C ILE A 231 4.50 -1.99 3.42
N THR A 232 3.41 -2.15 2.69
CA THR A 232 2.53 -1.04 2.34
C THR A 232 1.24 -0.74 3.11
N GLU A 233 0.58 -1.76 3.65
CA GLU A 233 -0.70 -1.55 4.34
C GLU A 233 -0.79 -2.34 5.63
N LEU A 234 0.26 -2.27 6.44
CA LEU A 234 0.30 -3.02 7.68
C LEU A 234 -0.76 -2.69 8.74
N ASP A 235 -1.35 -3.75 9.27
CA ASP A 235 -2.31 -3.70 10.35
C ASP A 235 -2.48 -5.16 10.72
N ILE A 236 -2.59 -5.43 12.03
CA ILE A 236 -2.69 -6.79 12.52
C ILE A 236 -3.93 -6.85 13.40
N ARG A 237 -5.02 -7.33 12.82
CA ARG A 237 -6.31 -7.40 13.50
C ARG A 237 -6.50 -8.55 14.48
N MET A 238 -7.39 -8.33 15.45
CA MET A 238 -7.70 -9.29 16.50
C MET A 238 -9.21 -9.28 16.77
N ARG A 239 -9.68 -10.28 17.51
CA ARG A 239 -11.08 -10.35 17.90
C ARG A 239 -11.24 -9.27 18.97
N THR A 240 -12.25 -8.41 18.82
CA THR A 240 -12.47 -7.35 19.80
C THR A 240 -13.41 -7.82 20.91
N PRO A 241 -13.30 -7.21 22.10
CA PRO A 241 -12.39 -6.12 22.44
C PRO A 241 -11.00 -6.65 22.76
N SER A 242 -10.01 -5.77 22.75
CA SER A 242 -8.65 -6.18 23.03
C SER A 242 -8.47 -6.41 24.52
N ASP A 243 -7.35 -7.03 24.87
CA ASP A 243 -6.97 -7.29 26.26
C ASP A 243 -5.44 -7.33 26.28
N ALA A 244 -4.85 -7.47 27.46
CA ALA A 244 -3.38 -7.49 27.58
C ALA A 244 -2.66 -8.56 26.76
N THR A 245 -3.20 -9.77 26.71
CA THR A 245 -2.53 -10.83 25.96
C THR A 245 -2.57 -10.55 24.45
N LYS A 246 -3.74 -10.17 23.94
CA LYS A 246 -3.88 -9.87 22.52
C LYS A 246 -2.96 -8.70 22.15
N LEU A 247 -2.95 -7.67 22.98
CA LEU A 247 -2.12 -6.50 22.73
C LEU A 247 -0.62 -6.85 22.81
N ALA A 248 -0.27 -7.81 23.66
CA ALA A 248 1.12 -8.23 23.80
C ALA A 248 1.55 -8.98 22.54
N THR A 249 0.69 -9.86 22.06
CA THR A 249 0.98 -10.62 20.86
C THR A 249 1.07 -9.65 19.69
N GLN A 250 0.10 -8.76 19.56
CA GLN A 250 0.09 -7.78 18.48
C GLN A 250 1.42 -7.05 18.45
N ALA A 251 1.89 -6.63 19.62
CA ALA A 251 3.16 -5.91 19.71
C ALA A 251 4.28 -6.76 19.12
N ALA A 252 4.40 -8.00 19.58
CA ALA A 252 5.43 -8.89 19.05
C ALA A 252 5.31 -9.04 17.54
N ASP A 253 4.07 -9.10 17.03
CA ASP A 253 3.85 -9.24 15.60
C ASP A 253 4.35 -8.02 14.84
N TYR A 254 4.09 -6.82 15.37
CA TYR A 254 4.56 -5.61 14.71
C TYR A 254 6.08 -5.62 14.64
N LYS A 255 6.69 -6.10 15.72
CA LYS A 255 8.15 -6.17 15.80
C LYS A 255 8.69 -7.14 14.76
N LYS A 256 8.04 -8.29 14.60
CA LYS A 256 8.48 -9.28 13.64
C LYS A 256 8.47 -8.67 12.24
N VAL A 257 7.38 -8.00 11.91
CA VAL A 257 7.23 -7.39 10.58
C VAL A 257 8.29 -6.34 10.29
N VAL A 258 8.45 -5.38 11.20
CA VAL A 258 9.44 -4.35 10.97
C VAL A 258 10.86 -4.92 10.93
N GLN A 259 11.11 -5.98 11.69
CA GLN A 259 12.44 -6.58 11.71
C GLN A 259 12.70 -7.30 10.40
N ALA A 260 11.65 -7.86 9.81
CA ALA A 260 11.79 -8.56 8.54
C ALA A 260 12.28 -7.58 7.49
N CYS A 261 11.75 -6.35 7.55
CA CYS A 261 12.13 -5.29 6.62
C CYS A 261 13.55 -4.81 6.92
N MET A 262 13.83 -4.59 8.19
CA MET A 262 15.15 -4.13 8.60
C MET A 262 16.24 -5.11 8.17
N GLN A 263 15.86 -6.38 8.00
CA GLN A 263 16.81 -7.42 7.60
C GLN A 263 17.03 -7.55 6.09
N VAL A 264 16.32 -6.74 5.31
CA VAL A 264 16.46 -6.76 3.85
C VAL A 264 16.86 -5.35 3.43
N THR A 265 18.13 -5.18 3.07
CA THR A 265 18.65 -3.88 2.68
C THR A 265 17.78 -3.10 1.68
N ARG A 266 17.11 -3.79 0.76
CA ARG A 266 16.28 -3.08 -0.21
C ARG A 266 14.84 -2.84 0.24
N CYS A 267 14.52 -3.21 1.48
CA CYS A 267 13.17 -2.96 1.98
C CYS A 267 13.14 -1.49 2.38
N GLN A 268 12.43 -0.69 1.59
CA GLN A 268 12.34 0.76 1.79
C GLN A 268 11.73 1.19 3.11
N GLY A 269 10.77 0.42 3.60
CA GLY A 269 10.15 0.79 4.85
C GLY A 269 8.83 0.10 5.11
N VAL A 270 8.10 0.62 6.09
CA VAL A 270 6.83 0.06 6.48
C VAL A 270 5.76 1.15 6.56
N THR A 271 4.61 0.88 5.95
CA THR A 271 3.50 1.83 5.98
C THR A 271 2.31 1.14 6.64
N VAL A 272 1.76 1.75 7.69
CA VAL A 272 0.60 1.16 8.37
C VAL A 272 -0.67 1.73 7.78
N TRP A 273 -1.68 0.89 7.62
CA TRP A 273 -2.93 1.33 6.99
C TRP A 273 -3.83 2.11 7.92
N GLY A 274 -3.36 3.28 8.33
CA GLY A 274 -4.12 4.14 9.23
C GLY A 274 -3.33 4.54 10.45
N ILE A 275 -3.90 5.44 11.24
CA ILE A 275 -3.27 5.90 12.46
C ILE A 275 -3.96 5.31 13.70
N THR A 276 -5.26 5.59 13.81
CA THR A 276 -6.03 5.15 14.95
C THR A 276 -7.12 4.11 14.69
N ASP A 277 -7.30 3.20 15.66
CA ASP A 277 -8.32 2.17 15.55
C ASP A 277 -9.70 2.81 15.34
N LYS A 278 -9.82 4.07 15.75
CA LYS A 278 -11.07 4.80 15.62
C LYS A 278 -11.56 4.86 14.17
N TYR A 279 -10.62 4.90 13.23
CA TYR A 279 -10.97 5.00 11.81
C TYR A 279 -10.58 3.80 10.93
N SER A 280 -9.89 2.83 11.51
CA SER A 280 -9.46 1.64 10.79
C SER A 280 -10.55 1.01 9.92
N TRP A 281 -10.16 0.53 8.75
CA TRP A 281 -11.09 -0.10 7.82
C TRP A 281 -11.54 -1.49 8.27
N VAL A 282 -10.78 -2.10 9.16
CA VAL A 282 -11.05 -3.47 9.62
C VAL A 282 -12.46 -3.84 10.12
N PRO A 283 -12.97 -3.16 11.16
CA PRO A 283 -14.31 -3.46 11.70
C PRO A 283 -15.44 -3.62 10.69
N ASP A 284 -15.49 -2.75 9.68
CA ASP A 284 -16.53 -2.81 8.67
C ASP A 284 -16.39 -3.91 7.63
N VAL A 285 -15.17 -4.41 7.47
CA VAL A 285 -14.90 -5.48 6.51
C VAL A 285 -14.83 -6.84 7.19
N PHE A 286 -14.26 -6.86 8.39
CA PHE A 286 -14.13 -8.10 9.15
C PHE A 286 -14.92 -7.95 10.45
N PRO A 287 -16.26 -8.06 10.40
CA PRO A 287 -17.04 -7.92 11.63
C PRO A 287 -16.52 -8.75 12.79
N GLY A 288 -16.46 -8.11 13.96
CA GLY A 288 -15.98 -8.79 15.15
C GLY A 288 -14.50 -8.59 15.35
N GLU A 289 -13.82 -8.13 14.31
CA GLU A 289 -12.39 -7.89 14.35
C GLU A 289 -12.08 -6.39 14.32
N GLY A 290 -10.89 -6.02 14.80
CA GLY A 290 -10.50 -4.61 14.82
C GLY A 290 -9.26 -4.39 15.66
N ALA A 291 -9.18 -3.22 16.30
CA ALA A 291 -8.04 -2.85 17.15
C ALA A 291 -6.73 -3.27 16.49
N ALA A 292 -6.65 -3.06 15.17
CA ALA A 292 -5.50 -3.47 14.39
C ALA A 292 -4.34 -2.47 14.24
N LEU A 293 -4.53 -1.23 14.69
CA LEU A 293 -3.48 -0.22 14.52
C LEU A 293 -2.62 0.10 15.74
N VAL A 294 -1.66 1.01 15.54
CA VAL A 294 -0.72 1.39 16.60
C VAL A 294 -1.31 2.28 17.70
N TRP A 295 -2.33 3.07 17.34
CA TRP A 295 -2.99 3.94 18.32
C TRP A 295 -4.43 3.45 18.48
N ASP A 296 -4.95 3.46 19.72
CA ASP A 296 -6.32 3.01 19.93
C ASP A 296 -7.33 4.10 19.58
N ALA A 297 -8.60 3.81 19.76
CA ALA A 297 -9.67 4.76 19.43
C ALA A 297 -9.61 6.08 20.20
N SER A 298 -8.78 6.14 21.23
CA SER A 298 -8.64 7.37 22.02
C SER A 298 -7.25 7.96 21.79
N TYR A 299 -6.59 7.47 20.76
CA TYR A 299 -5.26 7.93 20.37
C TYR A 299 -4.15 7.65 21.37
N ALA A 300 -4.34 6.64 22.21
CA ALA A 300 -3.31 6.30 23.17
C ALA A 300 -2.39 5.32 22.47
N LYS A 301 -1.09 5.47 22.69
CA LYS A 301 -0.13 4.57 22.06
C LYS A 301 -0.33 3.17 22.64
N LYS A 302 -0.39 2.17 21.77
CA LYS A 302 -0.57 0.80 22.22
C LYS A 302 0.80 0.13 22.32
N PRO A 303 0.87 -1.07 22.91
CA PRO A 303 2.16 -1.78 23.04
C PRO A 303 2.88 -1.89 21.70
N ALA A 304 2.11 -1.94 20.62
CA ALA A 304 2.67 -2.05 19.28
C ALA A 304 3.65 -0.90 19.01
N TYR A 305 3.33 0.27 19.54
CA TYR A 305 4.18 1.45 19.35
C TYR A 305 5.63 1.22 19.79
N ALA A 306 5.83 0.75 21.02
CA ALA A 306 7.17 0.49 21.53
C ALA A 306 7.86 -0.59 20.70
N ALA A 307 7.09 -1.57 20.24
CA ALA A 307 7.63 -2.65 19.44
C ALA A 307 8.18 -2.13 18.11
N VAL A 308 7.46 -1.20 17.49
CA VAL A 308 7.91 -0.64 16.22
C VAL A 308 9.19 0.16 16.42
N MET A 309 9.27 0.92 17.51
CA MET A 309 10.46 1.72 17.75
C MET A 309 11.70 0.85 17.96
N GLU A 310 11.57 -0.22 18.73
CA GLU A 310 12.72 -1.09 18.97
C GLU A 310 13.09 -1.90 17.74
N ALA A 311 12.13 -2.17 16.87
CA ALA A 311 12.40 -2.94 15.66
C ALA A 311 13.23 -2.09 14.68
N PHE A 312 13.06 -0.78 14.73
CA PHE A 312 13.80 0.12 13.84
C PHE A 312 15.19 0.40 14.39
#